data_2NW6
#
_entry.id   2NW6
#
_cell.length_a   89.015
_cell.length_b   46.584
_cell.length_c   84.244
_cell.angle_alpha   90.00
_cell.angle_beta   121.05
_cell.angle_gamma   90.00
#
_symmetry.space_group_name_H-M   'C 1 2 1'
#
loop_
_entity.id
_entity.type
_entity.pdbx_description
1 polymer Lipase
2 non-polymer 'CALCIUM ION'
3 non-polymer 'SODIUM ION'
4 non-polymer '(1S)-1-(PHENOXYMETHYL)PROPYL METHYLPHOSPHONOCHLORIDOATE'
5 water water
#
_entity_poly.entity_id   1
_entity_poly.type   'polypeptide(L)'
_entity_poly.pdbx_seq_one_letter_code
;ADNYAATRYPIILVHGLTGTDKYAGVLEYWYGIQEDLQQRGATVYVANLSGFQSDDGPNGRGEQLLAYVKTVLAATGATK
VNLVGHSQGGLTSRYVAAVAPDLVASVTTIGTPHRGSEFADFVQGVLAYDPTGLSSTVIAAFVNVFGILTSSSNNTNQDA
LAALKTLTTAQAATYNQNYPSAGLGAPGSCQTGAPTETVGGNTHLLYSWAGTAIQPTISVFGVTGATDTSTIPLVDPANA
LDPSTLALFGTGTVMVNRGSGQNDGVVSKCSALYGQVLSTSYKWNHLDEINQLLGVRGANAEDPVAVIRTHANRLKLAGV
;
_entity_poly.pdbx_strand_id   A
#
# COMPACT_ATOMS: atom_id res chain seq x y z
N ALA A 1 3.66 -24.30 13.28
CA ALA A 1 3.32 -24.18 14.72
C ALA A 1 1.85 -24.52 14.95
N ASP A 2 0.97 -23.80 14.27
CA ASP A 2 -0.46 -24.03 14.39
C ASP A 2 -1.18 -23.55 13.13
N ASN A 3 -2.50 -23.41 13.22
CA ASN A 3 -3.30 -22.96 12.08
C ASN A 3 -4.06 -21.68 12.37
N TYR A 4 -3.47 -20.83 13.20
CA TYR A 4 -4.07 -19.56 13.57
C TYR A 4 -4.38 -18.71 12.34
N ALA A 5 -3.49 -18.74 11.34
CA ALA A 5 -3.67 -17.95 10.13
C ALA A 5 -4.11 -18.77 8.92
N ALA A 6 -4.62 -19.98 9.15
CA ALA A 6 -5.04 -20.85 8.07
C ALA A 6 -6.35 -20.41 7.40
N THR A 7 -6.25 -19.55 6.40
CA THR A 7 -7.43 -19.08 5.66
C THR A 7 -7.82 -20.11 4.62
N ARG A 8 -9.08 -20.11 4.21
CA ARG A 8 -9.56 -21.05 3.19
C ARG A 8 -8.88 -20.84 1.84
N TYR A 9 -8.76 -19.58 1.45
CA TYR A 9 -8.14 -19.24 0.17
C TYR A 9 -6.74 -18.69 0.38
N PRO A 10 -5.84 -18.98 -0.57
CA PRO A 10 -4.45 -18.49 -0.46
C PRO A 10 -4.40 -16.97 -0.33
N ILE A 11 -3.43 -16.48 0.43
CA ILE A 11 -3.24 -15.04 0.60
C ILE A 11 -2.17 -14.61 -0.37
N ILE A 12 -2.41 -13.52 -1.08
CA ILE A 12 -1.43 -12.97 -2.00
C ILE A 12 -1.09 -11.57 -1.49
N LEU A 13 0.17 -11.35 -1.14
CA LEU A 13 0.62 -10.05 -0.66
C LEU A 13 1.00 -9.25 -1.90
N VAL A 14 0.47 -8.03 -1.99
CA VAL A 14 0.72 -7.16 -3.15
C VAL A 14 1.42 -5.85 -2.79
N HIS A 15 2.67 -5.73 -3.22
CA HIS A 15 3.47 -4.53 -2.95
C HIS A 15 3.04 -3.30 -3.73
N GLY A 16 3.55 -2.15 -3.30
CA GLY A 16 3.23 -0.88 -3.95
C GLY A 16 4.39 -0.31 -4.75
N LEU A 17 4.41 1.02 -4.86
CA LEU A 17 5.46 1.74 -5.59
C LEU A 17 6.86 1.30 -5.16
N THR A 18 7.77 1.25 -6.13
CA THR A 18 9.17 0.85 -5.94
C THR A 18 9.34 -0.64 -5.64
N GLY A 19 8.26 -1.27 -5.20
CA GLY A 19 8.31 -2.68 -4.83
C GLY A 19 8.64 -3.79 -5.81
N THR A 20 8.72 -4.98 -5.24
CA THR A 20 9.01 -6.24 -5.93
C THR A 20 8.91 -7.23 -4.76
N ASP A 21 8.93 -8.53 -5.03
CA ASP A 21 8.84 -9.48 -3.93
C ASP A 21 10.10 -9.39 -3.07
N LYS A 22 11.26 -9.27 -3.72
CA LYS A 22 12.52 -9.15 -2.99
C LYS A 22 13.47 -8.19 -3.71
N TYR A 23 13.73 -7.05 -3.08
CA TYR A 23 14.63 -6.05 -3.66
C TYR A 23 15.98 -6.68 -3.93
N ALA A 24 16.43 -6.58 -5.18
CA ALA A 24 17.71 -7.16 -5.58
C ALA A 24 17.71 -8.65 -5.26
N GLY A 25 16.52 -9.25 -5.22
CA GLY A 25 16.40 -10.66 -4.91
C GLY A 25 16.93 -11.00 -3.54
N VAL A 26 17.13 -9.97 -2.71
CA VAL A 26 17.67 -10.14 -1.38
C VAL A 26 16.76 -9.72 -0.22
N LEU A 27 16.28 -8.48 -0.27
CA LEU A 27 15.42 -7.94 0.78
C LEU A 27 13.91 -8.05 0.53
N GLU A 28 13.23 -8.84 1.35
CA GLU A 28 11.79 -9.02 1.22
C GLU A 28 11.04 -7.72 1.46
N TYR A 29 10.13 -7.39 0.56
CA TYR A 29 9.31 -6.19 0.69
C TYR A 29 8.45 -6.33 1.95
N TRP A 30 7.81 -7.49 2.09
CA TRP A 30 6.98 -7.78 3.25
C TRP A 30 7.91 -8.47 4.24
N TYR A 31 8.74 -7.68 4.91
CA TYR A 31 9.73 -8.21 5.84
C TYR A 31 9.24 -9.19 6.90
N GLY A 32 9.68 -10.44 6.76
CA GLY A 32 9.34 -11.51 7.70
C GLY A 32 7.88 -11.88 7.78
N ILE A 33 7.04 -11.26 6.95
CA ILE A 33 5.61 -11.51 6.98
C ILE A 33 5.17 -12.85 6.37
N GLN A 34 5.69 -13.19 5.18
CA GLN A 34 5.31 -14.46 4.56
C GLN A 34 5.71 -15.62 5.47
N GLU A 35 6.92 -15.55 6.04
CA GLU A 35 7.40 -16.60 6.93
C GLU A 35 6.50 -16.76 8.14
N ASP A 36 6.12 -15.64 8.76
CA ASP A 36 5.27 -15.67 9.94
C ASP A 36 3.93 -16.32 9.64
N LEU A 37 3.29 -15.87 8.56
CA LEU A 37 1.99 -16.41 8.18
C LEU A 37 2.04 -17.91 7.89
N GLN A 38 3.06 -18.34 7.16
CA GLN A 38 3.20 -19.75 6.81
C GLN A 38 3.40 -20.60 8.07
N GLN A 39 4.16 -20.07 9.03
CA GLN A 39 4.41 -20.79 10.27
C GLN A 39 3.10 -20.98 11.01
N ARG A 40 2.13 -20.11 10.76
CA ARG A 40 0.84 -20.20 11.41
C ARG A 40 -0.26 -20.84 10.55
N GLY A 41 0.16 -21.67 9.60
CA GLY A 41 -0.78 -22.39 8.75
C GLY A 41 -1.32 -21.77 7.47
N ALA A 42 -0.86 -20.58 7.11
CA ALA A 42 -1.37 -19.95 5.90
C ALA A 42 -0.61 -20.31 4.63
N THR A 43 -1.33 -20.32 3.51
CA THR A 43 -0.73 -20.56 2.21
C THR A 43 -0.56 -19.14 1.68
N VAL A 44 0.69 -18.70 1.53
CA VAL A 44 0.95 -17.34 1.10
C VAL A 44 1.87 -17.22 -0.11
N TYR A 45 1.49 -16.33 -1.02
CA TYR A 45 2.28 -16.06 -2.21
C TYR A 45 2.53 -14.56 -2.25
N VAL A 46 3.71 -14.18 -2.72
CA VAL A 46 4.06 -12.77 -2.79
C VAL A 46 4.23 -12.33 -4.24
N ALA A 47 3.36 -11.42 -4.68
CA ALA A 47 3.40 -10.94 -6.05
C ALA A 47 4.68 -10.17 -6.35
N ASN A 48 5.11 -10.23 -7.60
CA ASN A 48 6.30 -9.52 -8.07
C ASN A 48 5.85 -8.74 -9.30
N LEU A 49 5.48 -7.48 -9.09
CA LEU A 49 4.98 -6.64 -10.18
C LEU A 49 5.94 -5.49 -10.47
N SER A 50 5.61 -4.73 -11.51
CA SER A 50 6.41 -3.57 -11.87
C SER A 50 6.39 -2.65 -10.66
N GLY A 51 7.56 -2.17 -10.25
CA GLY A 51 7.60 -1.27 -9.11
C GLY A 51 7.11 0.10 -9.52
N PHE A 52 7.13 0.36 -10.83
CA PHE A 52 6.71 1.64 -11.38
C PHE A 52 5.82 1.45 -12.60
N GLN A 53 4.53 1.71 -12.42
CA GLN A 53 3.56 1.58 -13.50
C GLN A 53 2.21 2.03 -13.00
N SER A 54 1.27 2.19 -13.92
CA SER A 54 -0.08 2.55 -13.55
C SER A 54 -0.69 1.20 -13.17
N ASP A 55 -1.92 1.20 -12.68
CA ASP A 55 -2.56 -0.06 -12.32
C ASP A 55 -3.44 -0.57 -13.45
N ASP A 56 -4.06 0.35 -14.19
CA ASP A 56 -4.88 -0.05 -15.32
C ASP A 56 -4.00 0.01 -16.56
N GLY A 57 -4.54 -0.41 -17.70
CA GLY A 57 -3.76 -0.40 -18.93
C GLY A 57 -3.16 -1.74 -19.26
N PRO A 58 -2.84 -1.99 -20.55
CA PRO A 58 -2.26 -3.25 -21.02
C PRO A 58 -0.96 -3.64 -20.30
N ASN A 59 -0.12 -2.66 -20.02
CA ASN A 59 1.16 -2.90 -19.35
C ASN A 59 1.10 -2.65 -17.85
N GLY A 60 -0.09 -2.31 -17.34
CA GLY A 60 -0.25 -2.03 -15.92
C GLY A 60 -0.09 -3.16 -14.94
N ARG A 61 0.05 -2.80 -13.67
CA ARG A 61 0.21 -3.76 -12.58
C ARG A 61 -1.05 -4.62 -12.40
N GLY A 62 -2.20 -4.07 -12.76
CA GLY A 62 -3.45 -4.82 -12.63
C GLY A 62 -3.48 -6.10 -13.43
N GLU A 63 -3.16 -6.02 -14.72
CA GLU A 63 -3.14 -7.21 -15.56
C GLU A 63 -2.03 -8.14 -15.12
N GLN A 64 -0.96 -7.57 -14.59
CA GLN A 64 0.15 -8.37 -14.10
C GLN A 64 -0.31 -9.20 -12.92
N LEU A 65 -1.03 -8.57 -11.99
CA LEU A 65 -1.52 -9.26 -10.81
C LEU A 65 -2.57 -10.30 -11.19
N LEU A 66 -3.43 -9.95 -12.14
CA LEU A 66 -4.46 -10.87 -12.61
C LEU A 66 -3.82 -12.15 -13.15
N ALA A 67 -2.80 -11.99 -13.99
CA ALA A 67 -2.11 -13.14 -14.55
C ALA A 67 -1.44 -13.94 -13.42
N TYR A 68 -0.85 -13.24 -12.46
CA TYR A 68 -0.21 -13.91 -11.34
C TYR A 68 -1.22 -14.69 -10.51
N VAL A 69 -2.38 -14.09 -10.26
CA VAL A 69 -3.42 -14.75 -9.48
C VAL A 69 -3.79 -16.07 -10.13
N LYS A 70 -3.94 -16.04 -11.46
CA LYS A 70 -4.30 -17.26 -12.18
C LYS A 70 -3.24 -18.36 -12.02
N THR A 71 -1.96 -17.99 -11.96
CA THR A 71 -0.93 -19.00 -11.78
C THR A 71 -0.96 -19.57 -10.37
N VAL A 72 -1.32 -18.73 -9.40
CA VAL A 72 -1.41 -19.19 -8.02
C VAL A 72 -2.57 -20.16 -7.87
N LEU A 73 -3.69 -19.84 -8.51
CA LEU A 73 -4.87 -20.71 -8.44
C LEU A 73 -4.54 -22.08 -9.06
N ALA A 74 -3.86 -22.06 -10.20
CA ALA A 74 -3.50 -23.29 -10.88
C ALA A 74 -2.53 -24.15 -10.07
N ALA A 75 -1.63 -23.50 -9.33
CA ALA A 75 -0.64 -24.22 -8.53
C ALA A 75 -1.19 -24.77 -7.22
N THR A 76 -2.18 -24.10 -6.65
CA THR A 76 -2.75 -24.54 -5.37
C THR A 76 -4.02 -25.36 -5.55
N GLY A 77 -4.70 -25.19 -6.67
CA GLY A 77 -5.95 -25.90 -6.90
C GLY A 77 -7.11 -25.12 -6.31
N ALA A 78 -6.80 -23.94 -5.75
CA ALA A 78 -7.81 -23.10 -5.15
C ALA A 78 -8.62 -22.39 -6.24
N THR A 79 -9.79 -21.86 -5.87
CA THR A 79 -10.66 -21.18 -6.81
C THR A 79 -10.66 -19.67 -6.62
N LYS A 80 -10.25 -19.22 -5.43
CA LYS A 80 -10.22 -17.79 -5.13
C LYS A 80 -9.01 -17.45 -4.25
N VAL A 81 -8.69 -16.16 -4.18
CA VAL A 81 -7.57 -15.71 -3.34
C VAL A 81 -7.98 -14.52 -2.47
N ASN A 82 -7.20 -14.31 -1.41
CA ASN A 82 -7.41 -13.19 -0.51
C ASN A 82 -6.30 -12.22 -0.86
N LEU A 83 -6.67 -11.05 -1.37
CA LEU A 83 -5.67 -10.06 -1.76
C LEU A 83 -5.38 -9.09 -0.62
N VAL A 84 -4.10 -8.95 -0.29
CA VAL A 84 -3.68 -8.03 0.77
C VAL A 84 -2.65 -7.11 0.13
N GLY A 85 -3.02 -5.84 -0.07
CA GLY A 85 -2.11 -4.92 -0.70
C GLY A 85 -1.66 -3.77 0.17
N HIS A 86 -0.42 -3.34 -0.03
CA HIS A 86 0.14 -2.22 0.71
C HIS A 86 0.35 -1.07 -0.24
N SER A 87 -0.03 0.13 0.18
CA SER A 87 0.17 1.31 -0.64
C SER A 87 -0.52 1.12 -1.99
N GLN A 88 0.18 1.36 -3.09
CA GLN A 88 -0.44 1.19 -4.41
C GLN A 88 -0.96 -0.24 -4.62
N GLY A 89 -0.38 -1.19 -3.89
CA GLY A 89 -0.81 -2.57 -4.01
C GLY A 89 -2.30 -2.75 -3.76
N GLY A 90 -2.87 -1.84 -2.96
CA GLY A 90 -4.29 -1.89 -2.67
C GLY A 90 -5.11 -1.50 -3.88
N LEU A 91 -4.60 -0.57 -4.68
CA LEU A 91 -5.29 -0.13 -5.88
C LEU A 91 -5.22 -1.25 -6.91
N THR A 92 -4.09 -1.93 -6.96
CA THR A 92 -3.89 -3.03 -7.89
C THR A 92 -4.85 -4.17 -7.52
N SER A 93 -5.02 -4.39 -6.22
CA SER A 93 -5.92 -5.44 -5.74
C SER A 93 -7.37 -5.10 -6.12
N ARG A 94 -7.74 -3.83 -6.01
CA ARG A 94 -9.09 -3.41 -6.36
C ARG A 94 -9.35 -3.67 -7.85
N TYR A 95 -8.33 -3.46 -8.67
CA TYR A 95 -8.46 -3.69 -10.11
C TYR A 95 -8.83 -5.14 -10.39
N VAL A 96 -8.11 -6.06 -9.76
CA VAL A 96 -8.38 -7.48 -9.98
C VAL A 96 -9.75 -7.88 -9.44
N ALA A 97 -10.12 -7.35 -8.27
CA ALA A 97 -11.41 -7.66 -7.69
C ALA A 97 -12.53 -7.15 -8.59
N ALA A 98 -12.26 -6.08 -9.32
CA ALA A 98 -13.26 -5.51 -10.22
C ALA A 98 -13.40 -6.25 -11.55
N VAL A 99 -12.28 -6.57 -12.19
CA VAL A 99 -12.32 -7.25 -13.49
C VAL A 99 -12.45 -8.77 -13.44
N ALA A 100 -12.11 -9.35 -12.29
CA ALA A 100 -12.20 -10.80 -12.12
C ALA A 100 -12.76 -11.11 -10.74
N PRO A 101 -13.98 -10.62 -10.46
CA PRO A 101 -14.63 -10.83 -9.16
C PRO A 101 -14.72 -12.28 -8.68
N ASP A 102 -14.85 -13.20 -9.62
CA ASP A 102 -14.95 -14.62 -9.30
C ASP A 102 -13.66 -15.23 -8.75
N LEU A 103 -12.54 -14.55 -8.93
CA LEU A 103 -11.26 -15.07 -8.46
C LEU A 103 -10.83 -14.49 -7.12
N VAL A 104 -11.64 -13.58 -6.58
CA VAL A 104 -11.30 -12.94 -5.32
C VAL A 104 -12.32 -13.20 -4.21
N ALA A 105 -11.80 -13.46 -3.01
CA ALA A 105 -12.63 -13.70 -1.84
C ALA A 105 -12.63 -12.48 -0.92
N SER A 106 -11.53 -11.73 -0.93
CA SER A 106 -11.44 -10.54 -0.08
C SER A 106 -10.36 -9.60 -0.56
N VAL A 107 -10.48 -8.34 -0.14
CA VAL A 107 -9.50 -7.31 -0.48
C VAL A 107 -9.20 -6.55 0.80
N THR A 108 -7.93 -6.50 1.17
CA THR A 108 -7.51 -5.78 2.37
C THR A 108 -6.45 -4.80 1.90
N THR A 109 -6.60 -3.53 2.27
CA THR A 109 -5.63 -2.52 1.84
C THR A 109 -4.97 -1.94 3.08
N ILE A 110 -3.65 -1.80 3.00
CA ILE A 110 -2.89 -1.25 4.13
C ILE A 110 -2.17 0.00 3.64
N GLY A 111 -2.56 1.16 4.19
CA GLY A 111 -1.95 2.41 3.79
C GLY A 111 -2.05 2.65 2.29
N THR A 112 -3.20 2.33 1.72
CA THR A 112 -3.43 2.50 0.30
C THR A 112 -4.03 3.86 -0.02
N PRO A 113 -3.43 4.57 -0.98
CA PRO A 113 -3.93 5.90 -1.36
C PRO A 113 -5.12 5.82 -2.31
N HIS A 114 -6.27 5.38 -1.78
CA HIS A 114 -7.48 5.28 -2.60
C HIS A 114 -7.86 6.64 -3.18
N ARG A 115 -7.49 7.72 -2.50
CA ARG A 115 -7.80 9.06 -2.97
C ARG A 115 -6.53 9.80 -3.42
N GLY A 116 -5.45 9.05 -3.59
CA GLY A 116 -4.21 9.67 -4.03
C GLY A 116 -3.36 10.15 -2.87
N SER A 117 -2.21 10.75 -3.20
CA SER A 117 -1.29 11.25 -2.18
C SER A 117 -0.92 12.70 -2.46
N GLU A 118 -1.03 13.53 -1.43
CA GLU A 118 -0.68 14.94 -1.58
C GLU A 118 0.81 15.05 -1.85
N PHE A 119 1.57 14.02 -1.46
CA PHE A 119 3.01 14.06 -1.69
C PHE A 119 3.28 13.82 -3.17
N ALA A 120 2.40 13.05 -3.81
CA ALA A 120 2.55 12.78 -5.24
C ALA A 120 2.24 14.07 -5.98
N ASP A 121 1.21 14.78 -5.53
CA ASP A 121 0.83 16.05 -6.17
C ASP A 121 2.03 16.98 -6.08
N PHE A 122 2.67 16.94 -4.91
CA PHE A 122 3.85 17.76 -4.63
C PHE A 122 5.00 17.47 -5.59
N VAL A 123 5.41 16.21 -5.66
CA VAL A 123 6.50 15.81 -6.55
C VAL A 123 6.17 16.14 -7.99
N GLN A 124 4.94 15.86 -8.42
CA GLN A 124 4.54 16.18 -9.78
C GLN A 124 4.64 17.69 -10.02
N GLY A 125 4.25 18.47 -9.02
CA GLY A 125 4.31 19.91 -9.14
C GLY A 125 5.74 20.39 -9.29
N VAL A 126 6.64 19.82 -8.49
CA VAL A 126 8.05 20.18 -8.54
C VAL A 126 8.60 20.00 -9.96
N LEU A 127 8.32 18.85 -10.57
CA LEU A 127 8.79 18.58 -11.92
C LEU A 127 8.24 19.60 -12.92
N ALA A 128 7.01 20.07 -12.67
CA ALA A 128 6.37 21.04 -13.55
C ALA A 128 7.08 22.39 -13.56
N TYR A 129 7.88 22.67 -12.54
CA TYR A 129 8.60 23.94 -12.46
C TYR A 129 9.81 24.02 -13.38
N ASP A 130 10.13 22.92 -14.06
CA ASP A 130 11.24 22.93 -15.00
C ASP A 130 10.62 23.29 -16.34
N PRO A 131 10.82 24.53 -16.80
CA PRO A 131 10.25 24.97 -18.07
C PRO A 131 10.72 24.20 -19.31
N THR A 132 11.84 23.50 -19.19
CA THR A 132 12.35 22.73 -20.33
C THR A 132 11.78 21.32 -20.32
N GLY A 133 11.29 20.88 -19.16
CA GLY A 133 10.72 19.54 -19.04
C GLY A 133 11.78 18.45 -18.99
N LEU A 134 13.04 18.81 -19.20
CA LEU A 134 14.13 17.84 -19.20
C LEU A 134 14.27 17.04 -17.90
N SER A 135 13.99 17.65 -16.76
CA SER A 135 14.12 16.96 -15.49
C SER A 135 13.20 15.74 -15.39
N SER A 136 12.04 15.82 -16.05
CA SER A 136 11.10 14.70 -16.03
C SER A 136 11.72 13.52 -16.76
N THR A 137 12.40 13.81 -17.87
CA THR A 137 13.05 12.77 -18.66
C THR A 137 14.22 12.17 -17.90
N VAL A 138 15.06 13.04 -17.35
CA VAL A 138 16.23 12.60 -16.60
C VAL A 138 15.86 11.80 -15.35
N ILE A 139 14.98 12.36 -14.52
CA ILE A 139 14.57 11.67 -13.30
C ILE A 139 13.85 10.36 -13.61
N ALA A 140 12.99 10.35 -14.63
CA ALA A 140 12.28 9.13 -14.99
C ALA A 140 13.26 8.02 -15.35
N ALA A 141 14.26 8.36 -16.15
CA ALA A 141 15.27 7.40 -16.56
C ALA A 141 15.97 6.85 -15.32
N PHE A 142 16.28 7.75 -14.40
CA PHE A 142 16.94 7.36 -13.17
C PHE A 142 16.09 6.40 -12.35
N VAL A 143 14.82 6.76 -12.17
CA VAL A 143 13.91 5.94 -11.38
C VAL A 143 13.61 4.62 -12.08
N ASN A 144 13.44 4.65 -13.40
CA ASN A 144 13.15 3.43 -14.15
C ASN A 144 14.31 2.45 -14.06
N VAL A 145 15.54 2.97 -14.12
CA VAL A 145 16.71 2.11 -14.01
C VAL A 145 16.72 1.50 -12.62
N PHE A 146 16.40 2.33 -11.62
CA PHE A 146 16.33 1.84 -10.25
C PHE A 146 15.36 0.66 -10.19
N GLY A 147 14.22 0.81 -10.85
CA GLY A 147 13.23 -0.26 -10.86
C GLY A 147 13.77 -1.54 -11.44
N ILE A 148 14.43 -1.45 -12.59
CA ILE A 148 15.01 -2.61 -13.26
C ILE A 148 16.06 -3.30 -12.39
N LEU A 149 16.94 -2.51 -11.80
CA LEU A 149 18.01 -3.05 -10.97
C LEU A 149 17.55 -3.69 -9.67
N THR A 150 16.49 -3.15 -9.06
CA THR A 150 16.00 -3.70 -7.79
C THR A 150 14.96 -4.80 -7.99
N SER A 151 14.30 -4.81 -9.15
CA SER A 151 13.31 -5.85 -9.44
C SER A 151 13.99 -7.21 -9.31
N SER A 152 13.37 -8.13 -8.57
CA SER A 152 13.97 -9.46 -8.39
C SER A 152 14.18 -10.17 -9.72
N SER A 153 13.37 -9.81 -10.72
CA SER A 153 13.46 -10.42 -12.04
C SER A 153 13.93 -9.42 -13.08
N ASN A 154 14.46 -8.29 -12.62
CA ASN A 154 14.94 -7.25 -13.51
C ASN A 154 13.89 -6.89 -14.55
N ASN A 155 12.64 -6.80 -14.10
CA ASN A 155 11.52 -6.45 -14.98
C ASN A 155 11.81 -5.11 -15.63
N THR A 156 11.81 -5.09 -16.96
CA THR A 156 12.10 -3.85 -17.70
C THR A 156 10.87 -2.99 -17.93
N ASN A 157 9.71 -3.52 -17.54
CA ASN A 157 8.47 -2.78 -17.69
C ASN A 157 8.33 -1.83 -16.50
N GLN A 158 8.98 -0.68 -16.61
CA GLN A 158 8.96 0.34 -15.56
C GLN A 158 8.59 1.68 -16.22
N ASP A 159 7.67 2.41 -15.60
CA ASP A 159 7.24 3.70 -16.12
C ASP A 159 7.00 4.62 -14.93
N ALA A 160 8.09 5.15 -14.39
CA ALA A 160 8.04 6.04 -13.25
C ALA A 160 7.07 7.21 -13.39
N LEU A 161 7.02 7.81 -14.58
CA LEU A 161 6.13 8.93 -14.80
C LEU A 161 4.66 8.53 -14.73
N ALA A 162 4.34 7.34 -15.25
CA ALA A 162 2.96 6.85 -15.20
C ALA A 162 2.60 6.56 -13.74
N ALA A 163 3.56 6.02 -12.99
CA ALA A 163 3.36 5.69 -11.59
C ALA A 163 3.07 6.94 -10.76
N LEU A 164 3.83 8.00 -11.01
CA LEU A 164 3.65 9.25 -10.28
C LEU A 164 2.26 9.82 -10.55
N LYS A 165 1.87 9.85 -11.82
CA LYS A 165 0.58 10.37 -12.23
C LYS A 165 -0.54 9.57 -11.55
N THR A 166 -0.38 8.25 -11.55
CA THR A 166 -1.34 7.34 -10.95
C THR A 166 -1.62 7.68 -9.49
N LEU A 167 -0.59 8.09 -8.77
CA LEU A 167 -0.73 8.39 -7.34
C LEU A 167 -1.19 9.79 -6.96
N THR A 168 -1.38 10.68 -7.94
CA THR A 168 -1.83 12.03 -7.65
C THR A 168 -3.31 11.98 -7.27
N THR A 169 -3.77 12.97 -6.51
CA THR A 169 -5.16 13.03 -6.07
C THR A 169 -6.15 13.17 -7.23
N ALA A 170 -5.79 13.94 -8.24
CA ALA A 170 -6.68 14.13 -9.39
C ALA A 170 -6.87 12.83 -10.17
N GLN A 171 -5.77 12.13 -10.42
CA GLN A 171 -5.82 10.88 -11.17
C GLN A 171 -6.53 9.80 -10.36
N ALA A 172 -6.26 9.75 -9.06
CA ALA A 172 -6.88 8.76 -8.19
C ALA A 172 -8.41 8.92 -8.26
N ALA A 173 -8.88 10.15 -8.34
CA ALA A 173 -10.31 10.40 -8.43
C ALA A 173 -10.87 9.76 -9.69
N THR A 174 -10.14 9.88 -10.79
CA THR A 174 -10.56 9.30 -12.06
C THR A 174 -10.55 7.77 -11.96
N TYR A 175 -9.53 7.22 -11.32
CA TYR A 175 -9.43 5.77 -11.15
C TYR A 175 -10.68 5.25 -10.44
N ASN A 176 -11.10 5.97 -9.40
CA ASN A 176 -12.27 5.56 -8.64
C ASN A 176 -13.55 5.63 -9.48
N GLN A 177 -13.54 6.50 -10.49
CA GLN A 177 -14.70 6.62 -11.38
C GLN A 177 -14.72 5.44 -12.35
N ASN A 178 -13.54 5.04 -12.80
CA ASN A 178 -13.41 3.91 -13.73
C ASN A 178 -13.50 2.56 -13.04
N TYR A 179 -13.09 2.52 -11.78
CA TYR A 179 -13.12 1.28 -11.01
C TYR A 179 -13.82 1.52 -9.67
N PRO A 180 -15.13 1.81 -9.71
CA PRO A 180 -15.92 2.06 -8.51
C PRO A 180 -15.94 0.85 -7.58
N SER A 181 -16.23 1.10 -6.30
CA SER A 181 -16.30 0.03 -5.33
C SER A 181 -17.29 0.36 -4.24
N ALA A 182 -18.07 -0.63 -3.82
CA ALA A 182 -19.04 -0.43 -2.75
C ALA A 182 -18.29 -0.14 -1.46
N GLY A 183 -17.01 -0.50 -1.42
CA GLY A 183 -16.21 -0.28 -0.23
C GLY A 183 -15.70 1.14 -0.08
N LEU A 184 -15.97 1.99 -1.07
CA LEU A 184 -15.53 3.39 -1.03
C LEU A 184 -16.66 4.37 -0.73
N GLY A 185 -16.37 5.36 0.08
CA GLY A 185 -17.36 6.38 0.40
C GLY A 185 -17.34 7.45 -0.68
N ALA A 186 -18.13 8.50 -0.50
CA ALA A 186 -18.19 9.58 -1.50
C ALA A 186 -16.89 10.37 -1.54
N PRO A 187 -16.48 10.84 -2.73
CA PRO A 187 -15.25 11.62 -2.87
C PRO A 187 -15.29 12.87 -1.99
N GLY A 188 -14.20 13.11 -1.27
CA GLY A 188 -14.11 14.28 -0.41
C GLY A 188 -14.90 14.25 0.88
N SER A 189 -15.36 13.06 1.29
CA SER A 189 -16.14 12.95 2.52
C SER A 189 -15.34 12.37 3.68
N CYS A 190 -14.19 11.79 3.38
CA CYS A 190 -13.34 11.14 4.38
C CYS A 190 -14.17 10.09 5.12
N GLN A 191 -14.95 9.34 4.35
CA GLN A 191 -15.79 8.28 4.89
C GLN A 191 -15.46 7.03 4.11
N THR A 192 -15.68 5.86 4.71
CA THR A 192 -15.44 4.61 4.02
C THR A 192 -16.78 4.19 3.41
N GLY A 193 -16.80 3.01 2.80
CA GLY A 193 -18.02 2.52 2.21
C GLY A 193 -18.55 1.32 2.99
N ALA A 194 -19.03 0.32 2.26
CA ALA A 194 -19.57 -0.89 2.87
C ALA A 194 -18.47 -1.92 3.18
N PRO A 195 -18.74 -2.83 4.13
CA PRO A 195 -17.78 -3.88 4.52
C PRO A 195 -17.65 -5.03 3.52
N THR A 196 -18.58 -5.10 2.56
CA THR A 196 -18.55 -6.14 1.54
C THR A 196 -19.08 -5.58 0.24
N GLU A 197 -18.87 -6.34 -0.83
CA GLU A 197 -19.37 -5.95 -2.14
C GLU A 197 -19.75 -7.24 -2.84
N THR A 198 -20.71 -7.17 -3.75
CA THR A 198 -21.12 -8.34 -4.52
C THR A 198 -21.07 -7.90 -5.98
N VAL A 199 -20.05 -8.37 -6.68
CA VAL A 199 -19.83 -8.02 -8.07
C VAL A 199 -20.03 -9.21 -8.99
N GLY A 200 -20.93 -9.06 -9.96
CA GLY A 200 -21.20 -10.14 -10.89
C GLY A 200 -21.64 -11.41 -10.17
N GLY A 201 -22.20 -11.25 -8.97
CA GLY A 201 -22.66 -12.39 -8.20
C GLY A 201 -21.61 -12.97 -7.26
N ASN A 202 -20.46 -12.31 -7.16
CA ASN A 202 -19.38 -12.78 -6.31
C ASN A 202 -19.18 -11.82 -5.13
N THR A 203 -19.25 -12.34 -3.92
CA THR A 203 -19.08 -11.51 -2.73
C THR A 203 -17.63 -11.42 -2.27
N HIS A 204 -17.23 -10.21 -1.92
CA HIS A 204 -15.87 -9.94 -1.43
C HIS A 204 -15.95 -9.29 -0.06
N LEU A 205 -15.09 -9.72 0.86
CA LEU A 205 -15.05 -9.11 2.19
C LEU A 205 -14.01 -8.00 2.01
N LEU A 206 -14.35 -6.77 2.42
CA LEU A 206 -13.43 -5.65 2.24
C LEU A 206 -12.89 -5.10 3.57
N TYR A 207 -11.59 -4.86 3.62
CA TYR A 207 -10.96 -4.37 4.85
C TYR A 207 -9.88 -3.36 4.57
N SER A 208 -9.51 -2.60 5.60
CA SER A 208 -8.42 -1.64 5.47
C SER A 208 -7.98 -1.13 6.82
N TRP A 209 -6.78 -0.57 6.86
CA TRP A 209 -6.27 0.07 8.05
C TRP A 209 -5.20 1.02 7.60
N ALA A 210 -4.89 1.99 8.44
CA ALA A 210 -3.91 3.00 8.09
C ALA A 210 -2.99 3.33 9.25
N GLY A 211 -1.83 3.87 8.90
CA GLY A 211 -0.87 4.29 9.90
C GLY A 211 -0.98 5.80 10.02
N THR A 212 -1.04 6.30 11.25
CA THR A 212 -1.14 7.74 11.46
C THR A 212 -0.10 8.25 12.45
N ALA A 213 1.15 7.84 12.26
CA ALA A 213 2.23 8.27 13.15
C ALA A 213 2.46 9.77 13.02
N ILE A 214 2.33 10.28 11.79
CA ILE A 214 2.54 11.71 11.55
C ILE A 214 1.29 12.51 11.85
N GLN A 215 1.32 13.23 12.97
CA GLN A 215 0.20 14.04 13.41
C GLN A 215 0.49 15.54 13.41
N PRO A 216 -0.44 16.36 12.92
CA PRO A 216 -0.20 17.81 12.93
C PRO A 216 -0.39 18.20 14.39
N THR A 217 0.56 18.93 14.97
CA THR A 217 0.44 19.29 16.37
C THR A 217 0.57 20.77 16.70
N ILE A 218 0.90 21.60 15.72
CA ILE A 218 1.04 23.03 15.95
C ILE A 218 1.04 23.79 14.64
N SER A 219 0.39 24.96 14.64
CA SER A 219 0.32 25.79 13.47
C SER A 219 0.71 27.22 13.83
N VAL A 220 1.59 27.82 13.04
CA VAL A 220 2.05 29.18 13.29
C VAL A 220 2.43 29.88 12.01
N PHE A 221 1.93 31.10 11.83
CA PHE A 221 2.23 31.91 10.65
C PHE A 221 1.93 31.14 9.37
N GLY A 222 0.88 30.34 9.38
CA GLY A 222 0.50 29.58 8.20
C GLY A 222 1.19 28.24 8.07
N VAL A 223 2.30 28.06 8.79
CA VAL A 223 3.06 26.81 8.74
C VAL A 223 2.56 25.84 9.79
N THR A 224 2.44 24.57 9.42
CA THR A 224 1.96 23.56 10.35
C THR A 224 3.07 22.56 10.69
N GLY A 225 3.30 22.37 11.98
CA GLY A 225 4.33 21.44 12.41
C GLY A 225 3.69 20.10 12.75
N ALA A 226 4.45 19.02 12.58
CA ALA A 226 3.94 17.70 12.88
C ALA A 226 4.81 17.01 13.93
N THR A 227 4.32 15.88 14.43
CA THR A 227 5.03 15.09 15.43
C THR A 227 4.93 13.63 15.03
N ASP A 228 6.06 12.92 15.12
CA ASP A 228 6.09 11.50 14.79
C ASP A 228 5.73 10.77 16.08
N THR A 229 4.46 10.40 16.22
CA THR A 229 4.00 9.72 17.43
C THR A 229 4.45 8.27 17.56
N SER A 230 5.13 7.74 16.54
CA SER A 230 5.59 6.36 16.61
C SER A 230 6.84 6.27 17.48
N THR A 231 7.50 7.40 17.67
CA THR A 231 8.75 7.42 18.44
C THR A 231 8.71 8.16 19.77
N ILE A 232 9.62 7.77 20.66
CA ILE A 232 9.76 8.46 21.93
C ILE A 232 10.48 9.71 21.46
N PRO A 233 10.01 10.90 21.84
CA PRO A 233 10.65 12.15 21.40
C PRO A 233 12.17 12.18 21.39
N LEU A 234 12.72 12.44 20.20
CA LEU A 234 14.15 12.58 19.96
C LEU A 234 15.11 11.42 20.22
N VAL A 235 14.98 10.76 21.36
CA VAL A 235 15.90 9.68 21.71
C VAL A 235 15.60 8.27 21.18
N ASP A 236 14.48 8.11 20.48
CA ASP A 236 14.12 6.79 19.95
C ASP A 236 15.17 6.23 19.00
N PRO A 237 15.67 5.02 19.27
CA PRO A 237 16.68 4.37 18.43
C PRO A 237 16.23 4.18 16.98
N ALA A 238 14.92 4.12 16.78
CA ALA A 238 14.37 3.95 15.43
C ALA A 238 14.81 5.07 14.50
N ASN A 239 15.09 6.24 15.07
CA ASN A 239 15.54 7.38 14.27
C ASN A 239 16.96 7.17 13.76
N ALA A 240 17.72 6.34 14.46
CA ALA A 240 19.10 6.07 14.08
C ALA A 240 19.28 4.79 13.25
N LEU A 241 18.56 3.75 13.61
CA LEU A 241 18.68 2.46 12.93
C LEU A 241 17.84 2.29 11.67
N ASP A 242 16.87 3.16 11.47
CA ASP A 242 16.01 3.08 10.29
C ASP A 242 15.91 4.45 9.66
N PRO A 243 16.63 4.67 8.55
CA PRO A 243 16.62 5.97 7.87
C PRO A 243 15.26 6.42 7.34
N SER A 244 14.32 5.49 7.18
CA SER A 244 13.00 5.86 6.68
C SER A 244 12.18 6.57 7.74
N THR A 245 12.53 6.37 9.01
CA THR A 245 11.80 7.00 10.11
C THR A 245 11.76 8.53 10.00
N LEU A 246 12.93 9.15 9.94
CA LEU A 246 12.99 10.61 9.83
C LEU A 246 12.55 11.09 8.44
N ALA A 247 12.82 10.28 7.42
CA ALA A 247 12.45 10.63 6.05
C ALA A 247 10.93 10.75 5.91
N LEU A 248 10.20 9.80 6.49
CA LEU A 248 8.74 9.84 6.40
C LEU A 248 8.16 10.93 7.28
N PHE A 249 8.88 11.30 8.34
CA PHE A 249 8.44 12.38 9.20
C PHE A 249 8.57 13.64 8.36
N GLY A 250 9.61 13.71 7.56
CA GLY A 250 9.83 14.85 6.68
C GLY A 250 8.80 14.97 5.57
N THR A 251 8.56 13.88 4.87
CA THR A 251 7.57 13.91 3.80
C THR A 251 6.19 14.13 4.40
N GLY A 252 6.01 13.60 5.61
CA GLY A 252 4.74 13.73 6.31
C GLY A 252 4.48 15.17 6.71
N THR A 253 5.55 15.92 6.92
CA THR A 253 5.41 17.33 7.28
C THR A 253 4.95 18.09 6.04
N VAL A 254 5.47 17.70 4.88
CA VAL A 254 5.06 18.34 3.63
C VAL A 254 3.58 18.05 3.43
N MET A 255 3.17 16.82 3.73
CA MET A 255 1.78 16.42 3.59
C MET A 255 0.84 17.30 4.42
N VAL A 256 1.14 17.44 5.70
CA VAL A 256 0.30 18.25 6.60
C VAL A 256 0.20 19.70 6.14
N ASN A 257 1.25 20.19 5.47
CA ASN A 257 1.24 21.56 4.99
C ASN A 257 0.52 21.67 3.66
N ARG A 258 0.00 20.54 3.19
CA ARG A 258 -0.77 20.50 1.95
C ARG A 258 -2.20 20.08 2.31
N GLY A 259 -2.54 20.21 3.59
CA GLY A 259 -3.88 19.89 4.08
C GLY A 259 -4.28 18.43 4.21
N SER A 260 -3.30 17.53 4.31
CA SER A 260 -3.57 16.10 4.40
C SER A 260 -4.10 15.62 5.75
N GLY A 261 -3.78 16.33 6.82
CA GLY A 261 -4.20 15.88 8.14
C GLY A 261 -3.27 14.74 8.52
N GLN A 262 -3.60 14.00 9.57
CA GLN A 262 -2.78 12.88 10.00
C GLN A 262 -2.47 11.94 8.84
N ASN A 263 -1.24 11.43 8.79
CA ASN A 263 -0.80 10.55 7.71
C ASN A 263 0.35 9.65 8.16
N ASP A 264 0.84 8.82 7.24
CA ASP A 264 1.93 7.89 7.55
C ASP A 264 3.21 8.31 6.84
N GLY A 265 3.22 9.51 6.29
CA GLY A 265 4.38 9.99 5.58
C GLY A 265 4.07 10.25 4.11
N VAL A 266 3.21 9.42 3.53
CA VAL A 266 2.85 9.59 2.12
C VAL A 266 1.36 9.33 1.82
N VAL A 267 0.64 8.76 2.77
CA VAL A 267 -0.80 8.50 2.60
C VAL A 267 -1.59 9.02 3.79
N SER A 268 -2.61 9.83 3.53
CA SER A 268 -3.43 10.39 4.60
C SER A 268 -4.45 9.39 5.12
N LYS A 269 -4.93 9.63 6.34
CA LYS A 269 -5.92 8.76 6.96
C LYS A 269 -7.15 8.67 6.05
N CYS A 270 -7.62 9.82 5.58
CA CYS A 270 -8.79 9.88 4.72
C CYS A 270 -8.59 9.13 3.40
N SER A 271 -7.41 9.25 2.82
CA SER A 271 -7.14 8.57 1.55
C SER A 271 -7.14 7.05 1.70
N ALA A 272 -6.77 6.56 2.87
CA ALA A 272 -6.68 5.10 3.11
C ALA A 272 -7.98 4.38 3.48
N LEU A 273 -9.07 5.09 3.65
CA LEU A 273 -10.35 4.46 4.04
C LEU A 273 -10.97 3.58 2.96
N TYR A 274 -11.26 2.33 3.31
CA TYR A 274 -11.85 1.38 2.36
C TYR A 274 -12.48 0.21 3.12
N GLY A 275 -13.68 -0.18 2.68
CA GLY A 275 -14.39 -1.28 3.31
C GLY A 275 -14.49 -1.16 4.82
N GLN A 276 -14.30 -2.29 5.51
CA GLN A 276 -14.36 -2.28 6.96
C GLN A 276 -13.02 -1.74 7.44
N VAL A 277 -13.05 -0.52 7.98
CA VAL A 277 -11.85 0.12 8.49
C VAL A 277 -11.57 -0.42 9.89
N LEU A 278 -10.59 -1.31 9.98
CA LEU A 278 -10.25 -1.94 11.25
C LEU A 278 -9.58 -0.98 12.22
N SER A 279 -8.81 -0.05 11.68
CA SER A 279 -8.12 0.93 12.52
C SER A 279 -7.38 1.97 11.70
N THR A 280 -7.31 3.19 12.25
CA THR A 280 -6.59 4.28 11.61
C THR A 280 -5.74 4.91 12.71
N SER A 281 -5.61 4.18 13.82
CA SER A 281 -4.88 4.67 14.99
C SER A 281 -3.47 4.12 15.20
N TYR A 282 -3.04 3.18 14.37
CA TYR A 282 -1.71 2.62 14.51
C TYR A 282 -0.67 3.75 14.44
N LYS A 283 0.27 3.76 15.38
CA LYS A 283 1.31 4.79 15.38
C LYS A 283 2.43 4.29 14.47
N TRP A 284 2.13 4.25 13.17
CA TRP A 284 3.07 3.77 12.17
C TRP A 284 3.32 4.75 11.04
N ASN A 285 4.54 4.74 10.50
CA ASN A 285 4.80 5.54 9.32
C ASN A 285 4.56 4.50 8.22
N HIS A 286 4.59 4.94 6.96
CA HIS A 286 4.32 4.05 5.83
C HIS A 286 5.08 2.73 5.74
N LEU A 287 6.35 2.72 6.14
CA LEU A 287 7.12 1.48 6.06
C LEU A 287 6.96 0.58 7.28
N ASP A 288 6.51 1.14 8.42
CA ASP A 288 6.29 0.32 9.60
C ASP A 288 5.18 -0.68 9.26
N GLU A 289 4.26 -0.21 8.41
CA GLU A 289 3.12 -1.01 7.96
C GLU A 289 3.54 -2.36 7.40
N ILE A 290 4.73 -2.41 6.80
CA ILE A 290 5.22 -3.66 6.24
C ILE A 290 6.46 -4.14 6.99
N ASN A 291 6.53 -3.79 8.28
CA ASN A 291 7.62 -4.19 9.16
C ASN A 291 8.96 -3.85 8.50
N GLN A 292 9.00 -2.71 7.82
CA GLN A 292 10.22 -2.39 7.09
C GLN A 292 11.38 -1.59 7.57
N LEU A 293 12.46 -1.87 6.86
CA LEU A 293 13.78 -1.36 7.09
C LEU A 293 14.14 -2.28 8.23
N LEU A 294 14.08 -3.55 7.86
CA LEU A 294 14.44 -4.70 8.67
C LEU A 294 13.79 -4.82 10.06
N GLY A 295 12.47 -4.64 10.10
CA GLY A 295 11.74 -4.78 11.35
C GLY A 295 11.93 -3.70 12.42
N VAL A 296 12.57 -2.59 12.07
CA VAL A 296 12.79 -1.52 13.03
C VAL A 296 11.59 -0.59 13.08
N ARG A 297 11.10 -0.27 14.28
CA ARG A 297 9.96 0.63 14.41
C ARG A 297 10.06 1.41 15.72
N GLY A 298 9.41 2.57 15.76
CA GLY A 298 9.43 3.39 16.96
C GLY A 298 8.93 2.64 18.18
N ALA A 299 9.31 3.12 19.36
CA ALA A 299 8.92 2.48 20.61
C ALA A 299 7.42 2.50 20.87
N ASN A 300 6.69 3.38 20.21
CA ASN A 300 5.25 3.46 20.40
C ASN A 300 4.45 2.78 19.28
N ALA A 301 5.16 2.20 18.32
CA ALA A 301 4.51 1.53 17.20
C ALA A 301 4.10 0.10 17.50
N GLU A 302 2.88 -0.26 17.10
CA GLU A 302 2.38 -1.62 17.32
C GLU A 302 3.16 -2.59 16.43
N ASP A 303 3.09 -3.88 16.75
CA ASP A 303 3.78 -4.91 15.98
C ASP A 303 3.01 -5.18 14.69
N PRO A 304 3.57 -4.77 13.53
CA PRO A 304 2.91 -4.99 12.25
C PRO A 304 2.75 -6.46 11.86
N VAL A 305 3.71 -7.29 12.27
CA VAL A 305 3.65 -8.70 11.96
C VAL A 305 2.45 -9.33 12.66
N ALA A 306 2.27 -8.98 13.94
CA ALA A 306 1.16 -9.51 14.73
C ALA A 306 -0.17 -9.01 14.17
N VAL A 307 -0.21 -7.73 13.78
CA VAL A 307 -1.44 -7.15 13.24
C VAL A 307 -1.88 -7.91 11.99
N ILE A 308 -0.93 -8.20 11.09
CA ILE A 308 -1.26 -8.91 9.86
C ILE A 308 -1.65 -10.37 10.17
N ARG A 309 -0.95 -10.99 11.10
CA ARG A 309 -1.24 -12.37 11.49
C ARG A 309 -2.66 -12.46 12.03
N THR A 310 -3.01 -11.51 12.89
CA THR A 310 -4.34 -11.47 13.49
C THR A 310 -5.40 -11.26 12.41
N HIS A 311 -5.06 -10.51 11.37
CA HIS A 311 -6.02 -10.28 10.30
C HIS A 311 -6.24 -11.58 9.52
N ALA A 312 -5.19 -12.37 9.37
CA ALA A 312 -5.31 -13.64 8.65
C ALA A 312 -6.28 -14.51 9.44
N ASN A 313 -6.19 -14.46 10.76
CA ASN A 313 -7.09 -15.24 11.61
C ASN A 313 -8.50 -14.69 11.44
N ARG A 314 -8.61 -13.38 11.28
CA ARG A 314 -9.89 -12.72 11.09
C ARG A 314 -10.53 -13.24 9.80
N LEU A 315 -9.75 -13.31 8.74
CA LEU A 315 -10.23 -13.81 7.45
C LEU A 315 -10.70 -15.26 7.60
N LYS A 316 -9.92 -16.04 8.34
CA LYS A 316 -10.26 -17.44 8.59
C LYS A 316 -11.63 -17.56 9.25
N LEU A 317 -11.83 -16.79 10.32
CA LEU A 317 -13.09 -16.82 11.05
C LEU A 317 -14.25 -16.31 10.19
N ALA A 318 -13.95 -15.43 9.25
CA ALA A 318 -14.99 -14.89 8.38
C ALA A 318 -15.37 -15.87 7.26
N GLY A 319 -14.64 -16.97 7.16
CA GLY A 319 -14.95 -17.97 6.15
C GLY A 319 -14.18 -17.91 4.84
N VAL A 320 -13.17 -17.05 4.76
CA VAL A 320 -12.39 -16.96 3.53
C VAL A 320 -10.96 -17.45 3.76
#